data_1GHQ
#
_entry.id   1GHQ
#
_cell.length_a   170.000
_cell.length_b   170.000
_cell.length_c   174.000
_cell.angle_alpha   90.00
_cell.angle_beta   90.00
_cell.angle_gamma   120.00
#
_symmetry.space_group_name_H-M   'H 3 2'
#
loop_
_entity.id
_entity.type
_entity.pdbx_description
1 polymer 'COMPLEMENT C3'
2 polymer 'CR2/CD121/C3D/EPSTEIN-BARR VIRUS RECEPTOR'
3 non-polymer 'ZINC ION'
4 non-polymer 2-acetamido-2-deoxy-alpha-D-glucopyranose
5 water water
#
loop_
_entity_poly.entity_id
_entity_poly.type
_entity_poly.pdbx_seq_one_letter_code
_entity_poly.pdbx_strand_id
1 'polypeptide(L)'
;MLDAERLKHLIVTPSGAGEQNMIGMTPTVIAVHYLDETEQWEKFGLEKRQGALELIKKGYTQQLAFRQPSSAFAAFVKRA
PSTWLTAYVVKVFSLAVNLIAIDSQVLCGAVKWLILEKQKPDGVFQEDAPVIHQEMIGGLRNNNEKDMALTAFVLISLQE
AKDICEEQVNSLPGSITKAGDFLEANYMNLQRSYTVAIAGYALAQMGRLKGPLLNKFLTTAKDKNRWEDPGKQLYNVEAT
SYALLALLQLKDFDFVPPVVRWLNEQRYYGGGYGSTQATFMVFQALAQYQKDAPSDHQELNLDVSLQL
;
A
2 'polypeptide(L)'
;AISCGSPPPILNGRISYYSTPIAVGTVIRYSCSGTFRLIGEKSLLCITKDKVDGTWDKPAPKCEYFNKYSSCPEPIVPGG
YKIRGSTPYRHGDSVTFACKTNFSMNGNKSVWCQANNMWGPTRLPTCVSVFPLE
;
B,C
#
# COMPACT_ATOMS: atom_id res chain seq x y z
N MET A 1 36.50 -14.90 14.51
CA MET A 1 35.97 -14.17 15.68
C MET A 1 34.88 -15.01 16.34
N LEU A 2 34.37 -16.06 15.68
CA LEU A 2 33.32 -16.89 16.30
C LEU A 2 33.73 -18.38 16.55
N ASP A 3 33.27 -18.92 17.68
CA ASP A 3 33.48 -20.33 17.99
C ASP A 3 32.24 -20.82 18.73
N ALA A 4 32.20 -22.13 19.01
CA ALA A 4 31.04 -22.71 19.69
C ALA A 4 30.66 -22.11 21.05
N GLU A 5 31.61 -21.84 21.95
CA GLU A 5 31.24 -21.29 23.26
C GLU A 5 30.65 -19.92 23.09
N ARG A 6 31.22 -19.13 22.18
CA ARG A 6 30.69 -17.78 21.96
C ARG A 6 29.28 -17.86 21.43
N LEU A 7 29.03 -18.74 20.46
CA LEU A 7 27.68 -18.84 19.92
C LEU A 7 26.70 -19.45 20.94
N LYS A 8 27.14 -20.47 21.68
CA LYS A 8 26.26 -21.11 22.67
C LYS A 8 25.62 -20.13 23.69
N HIS A 9 26.37 -19.14 24.15
CA HIS A 9 25.77 -18.13 25.06
C HIS A 9 24.57 -17.39 24.45
N LEU A 10 24.37 -17.45 23.13
CA LEU A 10 23.23 -16.76 22.53
C LEU A 10 21.98 -17.63 22.61
N ILE A 11 22.09 -18.86 23.09
CA ILE A 11 20.87 -19.69 23.22
C ILE A 11 20.32 -19.41 24.61
N VAL A 12 19.23 -18.66 24.66
CA VAL A 12 18.62 -18.29 25.92
C VAL A 12 17.12 -18.58 26.05
N THR A 13 16.63 -18.59 27.27
CA THR A 13 15.23 -18.87 27.51
C THR A 13 14.45 -17.58 27.42
N PRO A 14 13.45 -17.50 26.56
CA PRO A 14 12.68 -16.25 26.45
C PRO A 14 11.70 -16.06 27.59
N SER A 15 11.50 -14.80 27.99
CA SER A 15 10.50 -14.44 28.98
C SER A 15 10.15 -12.95 28.91
N GLY A 16 9.19 -12.54 29.74
CA GLY A 16 8.78 -11.16 29.77
C GLY A 16 7.54 -10.89 28.95
N ALA A 17 7.21 -9.60 28.86
CA ALA A 17 6.07 -9.10 28.13
C ALA A 17 6.32 -9.04 26.62
N GLY A 18 5.40 -8.44 25.89
CA GLY A 18 5.48 -8.39 24.43
C GLY A 18 6.75 -7.93 23.73
N GLU A 19 7.54 -7.07 24.37
CA GLU A 19 8.80 -6.62 23.77
C GLU A 19 9.97 -7.45 24.31
N GLN A 20 9.99 -7.62 25.64
CA GLN A 20 11.05 -8.39 26.39
C GLN A 20 11.16 -9.83 25.84
N ASN A 21 10.02 -10.45 25.57
CA ASN A 21 10.00 -11.80 25.04
C ASN A 21 10.68 -11.93 23.67
N MET A 22 10.59 -10.89 22.84
CA MET A 22 11.21 -10.89 21.52
C MET A 22 12.70 -10.59 21.62
N ILE A 23 13.08 -9.84 22.64
CA ILE A 23 14.48 -9.53 22.88
C ILE A 23 15.12 -10.89 23.23
N GLY A 24 14.41 -11.67 24.04
CA GLY A 24 14.92 -12.99 24.40
C GLY A 24 14.89 -13.95 23.24
N MET A 25 13.80 -13.95 22.48
CA MET A 25 13.69 -14.89 21.38
C MET A 25 14.72 -14.66 20.25
N THR A 26 15.11 -13.41 20.00
CA THR A 26 16.05 -13.10 18.92
C THR A 26 17.36 -13.91 18.84
N PRO A 27 18.15 -13.90 19.91
CA PRO A 27 19.40 -14.67 19.75
C PRO A 27 19.23 -16.13 19.44
N THR A 28 18.24 -16.77 20.06
CA THR A 28 18.05 -18.20 19.84
C THR A 28 17.59 -18.45 18.43
N VAL A 29 16.66 -17.63 17.95
CA VAL A 29 16.21 -17.83 16.59
C VAL A 29 17.34 -17.63 15.61
N ILE A 30 18.10 -16.53 15.73
CA ILE A 30 19.14 -16.36 14.72
C ILE A 30 20.26 -17.34 14.87
N ALA A 31 20.57 -17.75 16.09
CA ALA A 31 21.62 -18.76 16.26
C ALA A 31 21.22 -20.07 15.52
N VAL A 32 19.99 -20.53 15.71
CA VAL A 32 19.57 -21.76 15.02
C VAL A 32 19.53 -21.50 13.51
N HIS A 33 18.96 -20.36 13.11
CA HIS A 33 18.95 -20.05 11.68
C HIS A 33 20.38 -20.05 11.12
N TYR A 34 21.31 -19.50 11.87
CA TYR A 34 22.70 -19.45 11.41
C TYR A 34 23.33 -20.86 11.28
N LEU A 35 23.14 -21.71 12.31
CA LEU A 35 23.72 -23.04 12.26
C LEU A 35 23.10 -23.88 11.13
N ASP A 36 21.77 -23.83 10.99
CA ASP A 36 21.10 -24.57 9.89
C ASP A 36 21.60 -24.07 8.53
N GLU A 37 21.58 -22.76 8.35
CA GLU A 37 21.97 -22.20 7.05
C GLU A 37 23.44 -22.45 6.69
N THR A 38 24.31 -22.41 7.69
CA THR A 38 25.73 -22.58 7.38
C THR A 38 26.12 -24.05 7.50
N GLU A 39 25.19 -24.88 7.96
CA GLU A 39 25.45 -26.31 8.14
C GLU A 39 26.65 -26.53 9.07
N GLN A 40 26.60 -25.92 10.26
CA GLN A 40 27.71 -26.07 11.19
C GLN A 40 27.36 -26.80 12.47
N TRP A 41 26.24 -27.52 12.49
CA TRP A 41 25.83 -28.21 13.72
C TRP A 41 26.88 -29.20 14.21
N GLU A 42 27.60 -29.83 13.29
CA GLU A 42 28.65 -30.78 13.66
C GLU A 42 29.68 -30.09 14.55
N LYS A 43 30.03 -28.84 14.25
CA LYS A 43 30.97 -28.15 15.10
C LYS A 43 30.34 -27.65 16.38
N PHE A 44 29.02 -27.45 16.38
CA PHE A 44 28.39 -26.89 17.55
C PHE A 44 27.85 -27.96 18.51
N GLY A 45 27.35 -29.06 17.93
CA GLY A 45 26.76 -30.15 18.70
C GLY A 45 25.30 -30.27 18.29
N LEU A 46 25.04 -31.14 17.31
CA LEU A 46 23.69 -31.32 16.83
C LEU A 46 22.66 -31.70 17.90
N GLU A 47 23.08 -32.34 18.99
CA GLU A 47 22.09 -32.69 19.99
C GLU A 47 21.51 -31.48 20.71
N LYS A 48 22.12 -30.29 20.56
CA LYS A 48 21.59 -29.07 21.19
C LYS A 48 20.47 -28.49 20.36
N ARG A 49 20.32 -28.93 19.11
CA ARG A 49 19.28 -28.36 18.25
C ARG A 49 17.84 -28.50 18.79
N GLN A 50 17.49 -29.68 19.28
CA GLN A 50 16.17 -29.97 19.81
C GLN A 50 15.81 -29.00 20.90
N GLY A 51 16.75 -28.86 21.83
CA GLY A 51 16.57 -27.97 22.97
C GLY A 51 16.34 -26.56 22.47
N ALA A 52 17.07 -26.15 21.44
CA ALA A 52 16.88 -24.80 20.90
C ALA A 52 15.52 -24.68 20.25
N LEU A 53 15.07 -25.74 19.57
CA LEU A 53 13.75 -25.67 18.93
C LEU A 53 12.66 -25.48 19.97
N GLU A 54 12.81 -26.15 21.12
CA GLU A 54 11.85 -26.03 22.22
C GLU A 54 11.81 -24.59 22.78
N LEU A 55 12.97 -23.92 22.86
CA LEU A 55 13.00 -22.56 23.39
C LEU A 55 12.36 -21.64 22.37
N ILE A 56 12.56 -21.92 21.09
CA ILE A 56 11.95 -21.11 20.01
C ILE A 56 10.42 -21.24 20.11
N LYS A 57 9.92 -22.48 20.26
CA LYS A 57 8.48 -22.70 20.37
C LYS A 57 7.95 -21.98 21.61
N LYS A 58 8.70 -22.04 22.71
CA LYS A 58 8.30 -21.35 23.92
C LYS A 58 8.22 -19.82 23.65
N GLY A 59 9.22 -19.28 22.94
CA GLY A 59 9.21 -17.85 22.64
C GLY A 59 7.98 -17.45 21.83
N TYR A 60 7.71 -18.25 20.81
CA TYR A 60 6.58 -18.05 19.91
C TYR A 60 5.27 -18.12 20.68
N THR A 61 5.10 -19.18 21.45
CA THR A 61 3.85 -19.34 22.21
C THR A 61 3.64 -18.20 23.16
N GLN A 62 4.70 -17.84 23.87
CA GLN A 62 4.58 -16.73 24.80
C GLN A 62 4.20 -15.43 24.10
N GLN A 63 4.74 -15.19 22.91
CA GLN A 63 4.45 -13.95 22.20
C GLN A 63 2.95 -13.84 21.84
N LEU A 64 2.30 -14.98 21.62
CA LEU A 64 0.89 -14.96 21.27
C LEU A 64 0.07 -14.32 22.37
N ALA A 65 0.51 -14.42 23.62
CA ALA A 65 -0.23 -13.78 24.70
C ALA A 65 -0.35 -12.28 24.46
N PHE A 66 0.44 -11.72 23.54
CA PHE A 66 0.40 -10.26 23.29
C PHE A 66 -0.12 -9.90 21.92
N ARG A 67 -0.64 -10.91 21.23
CA ARG A 67 -1.25 -10.69 19.90
C ARG A 67 -2.60 -10.01 20.15
N GLN A 68 -2.89 -8.87 19.52
CA GLN A 68 -4.19 -8.20 19.74
C GLN A 68 -5.28 -8.66 18.77
N PRO A 69 -6.56 -8.25 18.95
CA PRO A 69 -7.61 -8.69 18.00
C PRO A 69 -7.28 -8.32 16.55
N SER A 70 -6.57 -7.21 16.39
CA SER A 70 -6.17 -6.73 15.08
C SER A 70 -5.06 -7.61 14.44
N SER A 71 -4.48 -8.50 15.25
CA SER A 71 -3.34 -9.36 14.87
C SER A 71 -2.03 -8.55 15.03
N ALA A 72 -2.09 -7.32 15.54
CA ALA A 72 -0.87 -6.54 15.79
C ALA A 72 -0.37 -6.87 17.20
N PHE A 73 0.83 -6.38 17.53
CA PHE A 73 1.43 -6.62 18.84
C PHE A 73 1.87 -5.32 19.52
N ALA A 74 1.92 -5.39 20.86
CA ALA A 74 2.44 -4.33 21.72
C ALA A 74 2.97 -5.03 22.98
N ALA A 75 3.79 -4.31 23.77
CA ALA A 75 4.34 -4.85 24.99
C ALA A 75 3.28 -5.40 25.94
N PHE A 76 2.16 -4.70 26.01
CA PHE A 76 1.06 -5.11 26.90
C PHE A 76 -0.25 -4.99 26.10
N VAL A 77 -1.21 -5.86 26.39
CA VAL A 77 -2.46 -5.86 25.64
C VAL A 77 -3.29 -4.60 25.76
N LYS A 78 -3.03 -3.86 26.81
CA LYS A 78 -3.70 -2.61 27.08
C LYS A 78 -3.08 -1.47 26.32
N ARG A 79 -1.89 -1.72 25.78
CA ARG A 79 -1.14 -0.69 25.04
C ARG A 79 -1.43 -0.64 23.54
N ALA A 80 -1.46 0.57 22.96
CA ALA A 80 -1.70 0.77 21.53
C ALA A 80 -0.60 -0.04 20.78
N PRO A 81 -0.98 -0.74 19.70
CA PRO A 81 -0.08 -1.58 18.89
C PRO A 81 1.07 -0.86 18.21
N SER A 82 2.25 -1.48 18.25
CA SER A 82 3.40 -0.90 17.60
C SER A 82 3.60 -1.42 16.18
N THR A 83 3.77 -0.49 15.27
CA THR A 83 4.02 -0.84 13.86
C THR A 83 5.38 -1.59 13.81
N TRP A 84 6.38 -1.02 14.48
CA TRP A 84 7.71 -1.64 14.50
C TRP A 84 7.71 -3.03 15.13
N LEU A 85 7.11 -3.19 16.31
CA LEU A 85 7.10 -4.51 16.98
C LEU A 85 6.38 -5.51 16.12
N THR A 86 5.24 -5.09 15.54
CA THR A 86 4.51 -6.00 14.71
C THR A 86 5.35 -6.42 13.56
N ALA A 87 6.03 -5.48 12.91
CA ALA A 87 6.91 -5.87 11.80
C ALA A 87 8.09 -6.74 12.26
N TYR A 88 8.56 -6.51 13.48
CA TYR A 88 9.70 -7.31 13.95
C TYR A 88 9.22 -8.73 14.25
N VAL A 89 7.99 -8.85 14.74
CA VAL A 89 7.50 -10.18 15.00
C VAL A 89 7.47 -10.93 13.67
N VAL A 90 7.03 -10.26 12.61
CA VAL A 90 6.99 -10.90 11.29
C VAL A 90 8.43 -11.28 10.84
N LYS A 91 9.39 -10.39 11.11
CA LYS A 91 10.76 -10.65 10.70
C LYS A 91 11.33 -11.87 11.43
N VAL A 92 10.98 -12.04 12.72
CA VAL A 92 11.54 -13.17 13.47
C VAL A 92 10.78 -14.47 13.15
N PHE A 93 9.46 -14.39 13.20
CA PHE A 93 8.60 -15.55 12.98
C PHE A 93 8.83 -16.16 11.58
N SER A 94 9.03 -15.34 10.55
CA SER A 94 9.25 -15.80 9.18
C SER A 94 10.47 -16.73 9.07
N LEU A 95 11.47 -16.45 9.89
CA LEU A 95 12.67 -17.26 9.94
C LEU A 95 12.45 -18.60 10.67
N ALA A 96 11.42 -18.66 11.50
CA ALA A 96 11.12 -19.87 12.28
C ALA A 96 10.11 -20.83 11.64
N VAL A 97 9.53 -20.41 10.50
CA VAL A 97 8.48 -21.18 9.80
C VAL A 97 8.77 -22.70 9.57
N ASN A 98 10.01 -23.03 9.25
CA ASN A 98 10.38 -24.43 9.06
C ASN A 98 11.13 -24.98 10.29
N LEU A 99 11.07 -24.25 11.41
CA LEU A 99 11.72 -24.67 12.66
C LEU A 99 10.69 -25.25 13.61
N ILE A 100 9.55 -24.55 13.69
CA ILE A 100 8.44 -24.92 14.55
C ILE A 100 7.17 -24.62 13.76
N ALA A 101 6.01 -24.93 14.34
CA ALA A 101 4.75 -24.66 13.65
C ALA A 101 4.35 -23.21 13.85
N ILE A 102 4.44 -22.39 12.81
CA ILE A 102 4.01 -21.01 12.96
C ILE A 102 2.68 -20.86 12.24
N ASP A 103 1.67 -20.40 12.96
CA ASP A 103 0.33 -20.24 12.41
C ASP A 103 0.29 -19.09 11.40
N SER A 104 0.00 -19.39 10.14
CA SER A 104 -0.07 -18.36 9.10
C SER A 104 -1.11 -17.26 9.35
N GLN A 105 -2.16 -17.59 10.07
CA GLN A 105 -3.19 -16.61 10.42
C GLN A 105 -2.49 -15.55 11.27
N VAL A 106 -1.54 -15.99 12.09
CA VAL A 106 -0.82 -15.08 12.99
C VAL A 106 0.15 -14.28 12.14
N LEU A 107 1.06 -14.98 11.49
CA LEU A 107 2.05 -14.34 10.67
C LEU A 107 1.40 -13.41 9.63
N CYS A 108 0.49 -13.95 8.81
CA CYS A 108 -0.13 -13.15 7.77
C CYS A 108 -1.13 -12.11 8.29
N GLY A 109 -1.72 -12.35 9.46
CA GLY A 109 -2.65 -11.38 10.02
C GLY A 109 -1.88 -10.13 10.38
N ALA A 110 -0.65 -10.30 10.88
CA ALA A 110 0.15 -9.15 11.27
C ALA A 110 0.58 -8.40 10.02
N VAL A 111 0.95 -9.14 8.98
CA VAL A 111 1.36 -8.55 7.71
C VAL A 111 0.17 -7.72 7.18
N LYS A 112 -1.01 -8.32 7.18
CA LYS A 112 -2.18 -7.64 6.66
C LYS A 112 -2.46 -6.32 7.38
N TRP A 113 -2.35 -6.33 8.71
CA TRP A 113 -2.58 -5.14 9.52
C TRP A 113 -1.60 -4.02 9.18
N LEU A 114 -0.33 -4.40 9.04
CA LEU A 114 0.73 -3.44 8.74
C LEU A 114 0.33 -2.65 7.50
N ILE A 115 -0.07 -3.39 6.48
CA ILE A 115 -0.47 -2.83 5.19
C ILE A 115 -1.76 -2.03 5.24
N LEU A 116 -2.82 -2.67 5.74
CA LEU A 116 -4.15 -2.06 5.77
C LEU A 116 -4.33 -0.94 6.77
N GLU A 117 -3.55 -0.92 7.84
CA GLU A 117 -3.69 0.11 8.86
C GLU A 117 -2.52 1.08 8.99
N LYS A 118 -1.30 0.63 8.72
CA LYS A 118 -0.18 1.52 8.96
C LYS A 118 0.63 2.02 7.78
N GLN A 119 0.18 1.79 6.56
CA GLN A 119 0.95 2.30 5.43
C GLN A 119 0.17 3.48 4.82
N LYS A 120 0.84 4.61 4.59
CA LYS A 120 0.17 5.76 4.00
C LYS A 120 -0.02 5.58 2.48
N PRO A 121 -0.87 6.41 1.87
CA PRO A 121 -1.09 6.31 0.43
C PRO A 121 0.23 6.45 -0.31
N ASP A 122 1.14 7.26 0.22
CA ASP A 122 2.41 7.44 -0.45
C ASP A 122 3.39 6.25 -0.28
N GLY A 123 2.97 5.20 0.44
CA GLY A 123 3.82 4.03 0.62
C GLY A 123 4.62 3.94 1.92
N VAL A 124 4.75 5.06 2.63
CA VAL A 124 5.48 5.12 3.90
C VAL A 124 4.80 4.36 5.04
N PHE A 125 5.57 3.61 5.85
CA PHE A 125 4.97 2.93 7.00
C PHE A 125 5.17 3.86 8.18
N GLN A 126 4.13 3.99 9.01
CA GLN A 126 4.19 4.88 10.17
C GLN A 126 4.01 4.17 11.51
N GLU A 127 4.74 4.63 12.51
CA GLU A 127 4.68 4.08 13.87
C GLU A 127 3.74 5.00 14.67
N ASP A 128 2.64 4.49 15.23
CA ASP A 128 1.78 5.38 16.02
C ASP A 128 1.94 5.10 17.52
N ALA A 129 2.72 4.08 17.87
CA ALA A 129 2.92 3.75 19.29
C ALA A 129 4.30 3.13 19.48
N PRO A 130 5.33 3.95 19.62
CA PRO A 130 6.71 3.48 19.80
C PRO A 130 6.89 2.48 20.93
N VAL A 131 7.78 1.51 20.71
CA VAL A 131 8.06 0.50 21.72
C VAL A 131 8.71 1.15 22.92
N ILE A 132 8.57 0.48 24.05
CA ILE A 132 9.17 0.95 25.30
C ILE A 132 10.68 0.70 25.32
N HIS A 133 11.15 -0.47 24.84
CA HIS A 133 12.61 -0.76 24.84
C HIS A 133 13.22 -0.21 23.56
N GLN A 134 13.44 1.10 23.55
CA GLN A 134 14.00 1.82 22.42
C GLN A 134 15.38 1.22 22.06
N GLU A 135 15.95 0.52 23.04
CA GLU A 135 17.22 -0.23 23.04
C GLU A 135 17.19 -1.30 21.88
N MET A 136 16.02 -1.90 21.66
CA MET A 136 15.89 -3.04 20.71
C MET A 136 15.65 -2.81 19.23
N ILE A 137 15.55 -1.56 18.80
CA ILE A 137 15.28 -1.29 17.40
C ILE A 137 16.51 -0.78 16.62
N GLY A 138 17.66 -0.86 17.28
CA GLY A 138 18.90 -0.46 16.63
C GLY A 138 18.87 0.96 16.12
N GLY A 139 19.42 1.15 14.90
CA GLY A 139 19.53 2.46 14.29
C GLY A 139 18.26 3.26 14.15
N LEU A 140 17.11 2.62 14.33
CA LEU A 140 15.86 3.37 14.21
C LEU A 140 15.63 4.26 15.42
N ARG A 141 16.38 4.04 16.50
CA ARG A 141 16.19 4.83 17.72
C ARG A 141 16.52 6.30 17.38
N ASN A 142 17.49 6.49 16.51
CA ASN A 142 17.80 7.83 16.05
C ASN A 142 16.64 8.10 15.06
N ASN A 143 15.67 8.91 15.49
CA ASN A 143 14.48 9.25 14.69
C ASN A 143 14.73 10.00 13.38
N ASN A 144 15.97 10.42 13.15
CA ASN A 144 16.26 11.12 11.93
C ASN A 144 16.06 10.20 10.74
N GLU A 145 15.30 10.66 9.75
CA GLU A 145 15.04 9.90 8.53
C GLU A 145 14.14 8.72 8.87
N LYS A 146 13.23 8.95 9.81
CA LYS A 146 12.38 7.85 10.21
C LYS A 146 11.46 7.27 9.17
N ASP A 147 10.82 8.11 8.34
CA ASP A 147 9.90 7.57 7.31
C ASP A 147 10.65 6.61 6.39
N MET A 148 11.88 6.97 6.02
CA MET A 148 12.66 6.12 5.13
C MET A 148 13.21 4.89 5.89
N ALA A 149 13.78 5.11 7.06
CA ALA A 149 14.33 4.00 7.85
C ALA A 149 13.22 3.00 8.21
N LEU A 150 12.14 3.45 8.82
CA LEU A 150 11.04 2.54 9.18
C LEU A 150 10.39 1.89 7.95
N THR A 151 10.24 2.65 6.87
CA THR A 151 9.64 2.07 5.68
C THR A 151 10.53 0.93 5.16
N ALA A 152 11.84 1.10 5.19
CA ALA A 152 12.74 0.06 4.71
C ALA A 152 12.63 -1.17 5.62
N PHE A 153 12.63 -0.93 6.94
CA PHE A 153 12.54 -1.97 7.94
C PHE A 153 11.30 -2.80 7.76
N VAL A 154 10.15 -2.17 7.62
CA VAL A 154 8.92 -2.93 7.44
C VAL A 154 8.90 -3.67 6.10
N LEU A 155 9.32 -3.01 5.02
CA LEU A 155 9.38 -3.66 3.71
C LEU A 155 10.24 -4.95 3.76
N ILE A 156 11.39 -4.91 4.43
CA ILE A 156 12.28 -6.07 4.51
C ILE A 156 11.50 -7.20 5.21
N SER A 157 10.74 -6.86 6.26
CA SER A 157 9.92 -7.85 6.94
C SER A 157 8.89 -8.46 5.99
N LEU A 158 8.22 -7.60 5.22
CA LEU A 158 7.22 -8.08 4.27
C LEU A 158 7.81 -9.01 3.24
N GLN A 159 9.04 -8.73 2.81
CA GLN A 159 9.67 -9.59 1.80
C GLN A 159 9.89 -10.99 2.39
N GLU A 160 10.18 -11.07 3.68
CA GLU A 160 10.38 -12.38 4.30
C GLU A 160 9.09 -13.17 4.35
N ALA A 161 7.96 -12.49 4.51
CA ALA A 161 6.70 -13.21 4.60
C ALA A 161 5.91 -13.26 3.30
N LYS A 162 6.53 -12.81 2.22
CA LYS A 162 5.86 -12.73 0.93
C LYS A 162 5.33 -14.06 0.37
N ASP A 163 6.20 -15.06 0.27
CA ASP A 163 5.76 -16.30 -0.30
C ASP A 163 4.74 -16.97 0.59
N ILE A 164 4.97 -16.92 1.88
CA ILE A 164 4.01 -17.52 2.78
C ILE A 164 2.66 -16.82 2.81
N CYS A 165 2.66 -15.50 2.70
CA CYS A 165 1.42 -14.77 2.83
C CYS A 165 0.72 -14.24 1.60
N GLU A 166 1.43 -14.15 0.48
CA GLU A 166 0.86 -13.56 -0.74
C GLU A 166 -0.52 -14.04 -1.12
N GLU A 167 -0.83 -15.28 -0.79
CA GLU A 167 -2.13 -15.83 -1.08
C GLU A 167 -3.25 -15.24 -0.22
N GLN A 168 -3.02 -15.16 1.09
CA GLN A 168 -4.01 -14.64 2.03
C GLN A 168 -4.03 -13.13 2.13
N VAL A 169 -2.99 -12.49 1.62
CA VAL A 169 -2.93 -11.05 1.68
C VAL A 169 -2.79 -10.45 0.27
N ASN A 170 -3.93 -10.22 -0.38
CA ASN A 170 -3.91 -9.71 -1.75
C ASN A 170 -3.30 -8.32 -1.89
N SER A 171 -3.28 -7.53 -0.84
CA SER A 171 -2.68 -6.20 -0.96
C SER A 171 -1.14 -6.23 -0.86
N LEU A 172 -0.57 -7.38 -0.52
CA LEU A 172 0.88 -7.44 -0.37
C LEU A 172 1.73 -6.95 -1.56
N PRO A 173 1.47 -7.48 -2.77
CA PRO A 173 2.28 -7.02 -3.91
C PRO A 173 2.25 -5.50 -4.10
N GLY A 174 1.07 -4.91 -4.04
CA GLY A 174 0.95 -3.48 -4.23
C GLY A 174 1.60 -2.71 -3.09
N SER A 175 1.50 -3.25 -1.87
CA SER A 175 2.14 -2.55 -0.71
C SER A 175 3.65 -2.44 -0.91
N ILE A 176 4.23 -3.55 -1.32
CA ILE A 176 5.68 -3.64 -1.56
C ILE A 176 6.12 -2.64 -2.65
N THR A 177 5.37 -2.59 -3.74
CA THR A 177 5.70 -1.66 -4.81
C THR A 177 5.66 -0.22 -4.31
N LYS A 178 4.62 0.11 -3.54
CA LYS A 178 4.51 1.45 -3.01
C LYS A 178 5.65 1.75 -2.06
N ALA A 179 5.97 0.81 -1.16
CA ALA A 179 7.06 1.09 -0.25
C ALA A 179 8.31 1.25 -1.10
N GLY A 180 8.48 0.33 -2.04
CA GLY A 180 9.66 0.41 -2.88
C GLY A 180 9.76 1.74 -3.63
N ASP A 181 8.66 2.17 -4.25
CA ASP A 181 8.65 3.46 -4.99
C ASP A 181 9.08 4.61 -4.09
N PHE A 182 8.58 4.64 -2.86
CA PHE A 182 8.92 5.71 -1.96
C PHE A 182 10.41 5.69 -1.60
N LEU A 183 10.94 4.50 -1.32
CA LEU A 183 12.35 4.42 -0.96
C LEU A 183 13.20 4.85 -2.15
N GLU A 184 12.86 4.36 -3.34
CA GLU A 184 13.64 4.73 -4.50
C GLU A 184 13.59 6.23 -4.77
N ALA A 185 12.40 6.81 -4.74
CA ALA A 185 12.28 8.27 -5.01
C ALA A 185 13.02 9.18 -4.06
N ASN A 186 13.28 8.72 -2.84
CA ASN A 186 13.89 9.56 -1.82
C ASN A 186 15.27 9.17 -1.34
N TYR A 187 15.80 8.09 -1.90
CA TYR A 187 17.10 7.56 -1.51
C TYR A 187 18.24 8.52 -1.60
N MET A 188 18.36 9.18 -2.75
CA MET A 188 19.48 10.09 -2.99
C MET A 188 19.66 11.16 -1.92
N ASN A 189 18.56 11.53 -1.27
CA ASN A 189 18.55 12.54 -0.23
C ASN A 189 18.94 12.09 1.18
N LEU A 190 19.30 10.83 1.34
CA LEU A 190 19.64 10.36 2.67
C LEU A 190 20.95 10.89 3.15
N GLN A 191 21.01 11.18 4.45
CA GLN A 191 22.25 11.66 5.04
C GLN A 191 22.92 10.63 5.97
N ARG A 192 22.15 9.78 6.67
CA ARG A 192 22.78 8.83 7.58
C ARG A 192 23.30 7.58 6.90
N SER A 193 24.46 7.09 7.32
CA SER A 193 24.98 5.85 6.75
C SER A 193 24.00 4.70 7.08
N TYR A 194 23.41 4.77 8.28
CA TYR A 194 22.46 3.75 8.67
C TYR A 194 21.30 3.62 7.68
N THR A 195 20.59 4.72 7.40
CA THR A 195 19.46 4.65 6.50
C THR A 195 19.89 4.21 5.11
N VAL A 196 21.08 4.64 4.70
CA VAL A 196 21.54 4.27 3.39
C VAL A 196 21.71 2.75 3.32
N ALA A 197 22.26 2.16 4.38
CA ALA A 197 22.47 0.69 4.39
C ALA A 197 21.14 -0.05 4.37
N ILE A 198 20.24 0.30 5.31
CA ILE A 198 18.98 -0.43 5.37
C ILE A 198 18.10 -0.24 4.14
N ALA A 199 17.93 1.00 3.67
CA ALA A 199 17.11 1.19 2.48
C ALA A 199 17.89 0.60 1.30
N GLY A 200 19.21 0.64 1.39
CA GLY A 200 20.01 0.08 0.30
C GLY A 200 19.65 -1.40 0.15
N TYR A 201 19.66 -2.13 1.27
CA TYR A 201 19.32 -3.55 1.16
C TYR A 201 17.88 -3.73 0.64
N ALA A 202 16.95 -2.92 1.15
CA ALA A 202 15.56 -3.04 0.72
C ALA A 202 15.45 -2.84 -0.80
N LEU A 203 16.19 -1.87 -1.33
CA LEU A 203 16.13 -1.63 -2.77
C LEU A 203 16.85 -2.74 -3.55
N ALA A 204 17.96 -3.23 -3.02
CA ALA A 204 18.67 -4.30 -3.71
C ALA A 204 17.75 -5.49 -3.85
N GLN A 205 16.95 -5.80 -2.83
CA GLN A 205 16.05 -6.95 -2.96
C GLN A 205 15.09 -6.82 -4.15
N MET A 206 14.77 -5.59 -4.53
CA MET A 206 13.82 -5.40 -5.62
C MET A 206 14.51 -5.08 -6.94
N GLY A 207 15.82 -5.17 -7.00
CA GLY A 207 16.54 -4.84 -8.23
C GLY A 207 16.52 -3.35 -8.53
N ARG A 208 16.28 -2.53 -7.51
CA ARG A 208 16.23 -1.09 -7.70
C ARG A 208 17.44 -0.31 -7.23
N LEU A 209 18.47 -0.98 -6.74
CA LEU A 209 19.66 -0.28 -6.28
C LEU A 209 20.60 -0.28 -7.48
N LYS A 210 20.49 0.75 -8.31
CA LYS A 210 21.29 0.88 -9.54
C LYS A 210 21.78 2.31 -9.70
N GLY A 211 22.62 2.51 -10.71
CA GLY A 211 23.12 3.83 -11.03
C GLY A 211 23.55 4.72 -9.91
N PRO A 212 22.98 5.93 -9.84
CA PRO A 212 23.34 6.88 -8.79
C PRO A 212 23.04 6.31 -7.39
N LEU A 213 21.92 5.59 -7.27
CA LEU A 213 21.62 5.00 -5.96
C LEU A 213 22.71 4.02 -5.53
N LEU A 214 23.05 3.10 -6.42
CA LEU A 214 24.08 2.12 -6.12
C LEU A 214 25.35 2.85 -5.75
N ASN A 215 25.71 3.86 -6.55
CA ASN A 215 26.94 4.61 -6.25
C ASN A 215 26.94 5.26 -4.89
N LYS A 216 25.82 5.87 -4.51
CA LYS A 216 25.74 6.50 -3.19
C LYS A 216 25.92 5.41 -2.13
N PHE A 217 25.18 4.30 -2.31
CA PHE A 217 25.29 3.20 -1.36
C PHE A 217 26.75 2.81 -1.14
N LEU A 218 27.47 2.50 -2.21
CA LEU A 218 28.86 2.07 -2.06
C LEU A 218 29.82 3.12 -1.52
N THR A 219 29.73 4.34 -2.06
CA THR A 219 30.63 5.42 -1.63
C THR A 219 30.32 5.90 -0.21
N THR A 220 29.14 5.55 0.30
CA THR A 220 28.83 5.95 1.67
C THR A 220 29.68 5.17 2.66
N ALA A 221 30.17 4.01 2.25
CA ALA A 221 30.97 3.26 3.20
C ALA A 221 32.26 3.96 3.63
N LYS A 222 32.56 3.90 4.91
CA LYS A 222 33.80 4.47 5.44
C LYS A 222 34.90 3.44 5.21
N ASP A 223 36.05 3.90 4.71
CA ASP A 223 37.20 3.02 4.43
C ASP A 223 36.75 1.83 3.62
N LYS A 224 35.70 2.00 2.81
CA LYS A 224 35.17 0.92 1.99
C LYS A 224 34.82 -0.36 2.78
N ASN A 225 34.65 -0.25 4.09
CA ASN A 225 34.32 -1.46 4.83
C ASN A 225 33.19 -1.36 5.86
N ARG A 226 32.67 -0.16 6.13
CA ARG A 226 31.58 -0.09 7.09
C ARG A 226 30.66 1.09 6.87
N TRP A 227 29.41 0.94 7.26
CA TRP A 227 28.45 2.03 7.15
C TRP A 227 28.30 2.56 8.57
N GLU A 228 28.99 3.64 8.89
CA GLU A 228 28.84 4.16 10.23
C GLU A 228 28.55 5.65 10.30
N ASP A 229 27.81 6.03 11.34
CA ASP A 229 27.46 7.41 11.55
C ASP A 229 28.27 7.90 12.73
N PRO A 230 29.00 9.03 12.54
CA PRO A 230 29.85 9.62 13.59
C PRO A 230 29.04 10.03 14.80
N GLY A 231 29.65 9.91 15.97
CA GLY A 231 28.96 10.27 17.20
C GLY A 231 27.99 9.19 17.60
N LYS A 232 28.42 8.29 18.48
CA LYS A 232 27.55 7.17 18.88
C LYS A 232 27.32 6.26 17.66
N GLN A 233 28.42 5.71 17.15
CA GLN A 233 28.40 4.83 15.99
C GLN A 233 28.10 3.41 16.45
N LEU A 234 27.13 3.26 17.36
CA LEU A 234 26.79 1.93 17.85
C LEU A 234 25.90 1.14 16.87
N TYR A 235 25.45 1.79 15.80
CA TYR A 235 24.62 1.10 14.81
C TYR A 235 25.44 0.59 13.64
N ASN A 236 26.78 0.69 13.70
CA ASN A 236 27.57 0.26 12.55
C ASN A 236 27.58 -1.21 12.26
N VAL A 237 27.54 -2.05 13.28
CA VAL A 237 27.52 -3.49 13.00
C VAL A 237 26.20 -3.82 12.30
N GLU A 238 25.09 -3.26 12.81
CA GLU A 238 23.78 -3.52 12.24
C GLU A 238 23.70 -2.97 10.83
N ALA A 239 24.11 -1.71 10.67
CA ALA A 239 24.05 -1.08 9.34
C ALA A 239 24.90 -1.87 8.33
N THR A 240 26.11 -2.20 8.77
CA THR A 240 27.04 -2.91 7.86
C THR A 240 26.54 -4.31 7.52
N SER A 241 25.76 -4.93 8.42
CA SER A 241 25.25 -6.29 8.15
C SER A 241 24.18 -6.14 7.05
N TYR A 242 23.34 -5.09 7.16
CA TYR A 242 22.36 -4.86 6.09
C TYR A 242 23.11 -4.62 4.79
N ALA A 243 24.17 -3.83 4.88
CA ALA A 243 24.90 -3.49 3.65
C ALA A 243 25.52 -4.77 3.07
N LEU A 244 26.03 -5.66 3.93
CA LEU A 244 26.65 -6.91 3.43
C LEU A 244 25.57 -7.74 2.73
N LEU A 245 24.37 -7.74 3.29
CA LEU A 245 23.30 -8.47 2.64
C LEU A 245 22.98 -7.85 1.25
N ALA A 246 23.04 -6.52 1.12
CA ALA A 246 22.77 -5.89 -0.17
C ALA A 246 23.88 -6.29 -1.16
N LEU A 247 25.14 -6.25 -0.72
CA LEU A 247 26.27 -6.61 -1.58
C LEU A 247 26.13 -8.06 -2.06
N LEU A 248 25.69 -8.96 -1.19
CA LEU A 248 25.54 -10.39 -1.60
C LEU A 248 24.41 -10.48 -2.58
N GLN A 249 23.35 -9.74 -2.33
CA GLN A 249 22.20 -9.72 -3.22
C GLN A 249 22.62 -9.18 -4.60
N LEU A 250 23.51 -8.19 -4.63
CA LEU A 250 23.97 -7.61 -5.89
C LEU A 250 25.09 -8.46 -6.53
N LYS A 251 25.56 -9.47 -5.80
CA LYS A 251 26.68 -10.30 -6.23
C LYS A 251 27.90 -9.43 -6.51
N ASP A 252 28.02 -8.32 -5.78
CA ASP A 252 29.15 -7.45 -5.95
C ASP A 252 30.33 -7.97 -5.13
N PHE A 253 30.87 -9.10 -5.57
CA PHE A 253 31.95 -9.77 -4.88
C PHE A 253 33.28 -9.05 -4.70
N ASP A 254 33.57 -8.07 -5.54
CA ASP A 254 34.86 -7.37 -5.40
C ASP A 254 34.82 -6.37 -4.25
N PHE A 255 33.62 -5.93 -3.88
CA PHE A 255 33.47 -4.97 -2.79
C PHE A 255 33.24 -5.63 -1.44
N VAL A 256 32.85 -6.90 -1.46
CA VAL A 256 32.57 -7.63 -0.22
C VAL A 256 33.68 -7.87 0.82
N PRO A 257 34.88 -8.27 0.37
CA PRO A 257 35.96 -8.55 1.32
C PRO A 257 36.30 -7.57 2.41
N PRO A 258 36.50 -6.29 2.08
CA PRO A 258 36.84 -5.45 3.25
C PRO A 258 35.69 -5.42 4.27
N VAL A 259 34.46 -5.60 3.77
CA VAL A 259 33.31 -5.52 4.67
C VAL A 259 33.24 -6.70 5.64
N VAL A 260 33.42 -7.88 5.10
CA VAL A 260 33.36 -9.08 5.91
C VAL A 260 34.49 -9.03 6.92
N ARG A 261 35.65 -8.64 6.42
CA ARG A 261 36.81 -8.53 7.29
C ARG A 261 36.55 -7.57 8.47
N TRP A 262 35.95 -6.40 8.20
CA TRP A 262 35.67 -5.48 9.29
C TRP A 262 34.65 -6.13 10.26
N LEU A 263 33.61 -6.72 9.71
CA LEU A 263 32.58 -7.35 10.57
C LEU A 263 33.20 -8.43 11.44
N ASN A 264 34.10 -9.21 10.84
CA ASN A 264 34.76 -10.29 11.55
C ASN A 264 35.72 -9.84 12.62
N GLU A 265 36.08 -8.55 12.62
CA GLU A 265 36.96 -8.05 13.67
C GLU A 265 36.13 -7.52 14.86
N GLN A 266 34.82 -7.43 14.69
CA GLN A 266 33.95 -6.92 15.74
C GLN A 266 33.52 -8.05 16.70
N ARG A 267 33.27 -7.67 17.95
CA ARG A 267 32.81 -8.60 18.97
C ARG A 267 31.30 -8.72 18.71
N TYR A 268 30.94 -9.18 17.51
CA TYR A 268 29.54 -9.17 17.13
C TYR A 268 28.65 -10.19 17.84
N TYR A 269 29.26 -11.13 18.56
CA TYR A 269 28.50 -12.16 19.29
C TYR A 269 28.27 -11.67 20.74
N GLY A 270 28.69 -10.44 21.03
CA GLY A 270 28.59 -9.88 22.37
C GLY A 270 27.23 -9.95 23.04
N GLY A 271 26.14 -9.77 22.29
CA GLY A 271 24.84 -9.74 22.94
C GLY A 271 24.85 -8.55 23.90
N GLY A 272 24.08 -8.60 24.95
CA GLY A 272 24.12 -7.49 25.88
C GLY A 272 23.05 -6.44 25.60
N TYR A 273 22.93 -5.46 26.49
CA TYR A 273 21.89 -4.46 26.36
C TYR A 273 21.88 -3.78 24.98
N GLY A 274 20.68 -3.64 24.41
CA GLY A 274 20.55 -2.99 23.12
C GLY A 274 21.14 -3.69 21.91
N SER A 275 21.49 -4.97 22.02
CA SER A 275 22.09 -5.67 20.88
C SER A 275 21.12 -6.41 19.98
N THR A 276 19.81 -6.30 20.22
CA THR A 276 18.88 -7.08 19.41
C THR A 276 19.05 -6.98 17.90
N GLN A 277 19.02 -5.78 17.33
CA GLN A 277 19.13 -5.70 15.87
C GLN A 277 20.53 -6.11 15.34
N ALA A 278 21.57 -5.71 16.05
CA ALA A 278 22.95 -6.04 15.61
C ALA A 278 23.06 -7.55 15.60
N THR A 279 22.49 -8.18 16.64
CA THR A 279 22.56 -9.62 16.76
C THR A 279 21.80 -10.31 15.66
N PHE A 280 20.53 -9.94 15.47
CA PHE A 280 19.76 -10.57 14.43
C PHE A 280 20.41 -10.37 13.07
N MET A 281 20.85 -9.15 12.82
CA MET A 281 21.40 -8.85 11.51
C MET A 281 22.79 -9.40 11.14
N VAL A 282 23.75 -9.32 12.06
CA VAL A 282 25.10 -9.81 11.77
C VAL A 282 25.06 -11.34 11.54
N PHE A 283 24.26 -12.06 12.33
CA PHE A 283 24.18 -13.53 12.11
C PHE A 283 23.43 -13.85 10.82
N GLN A 284 22.42 -13.03 10.48
CA GLN A 284 21.71 -13.23 9.23
C GLN A 284 22.69 -13.00 8.08
N ALA A 285 23.44 -11.88 8.16
CA ALA A 285 24.38 -11.55 7.10
C ALA A 285 25.56 -12.51 6.97
N LEU A 286 26.22 -12.86 8.07
CA LEU A 286 27.34 -13.81 8.01
C LEU A 286 26.85 -15.22 7.65
N ALA A 287 25.61 -15.56 8.01
CA ALA A 287 25.09 -16.87 7.61
C ALA A 287 24.88 -16.77 6.10
N GLN A 288 24.35 -15.64 5.64
CA GLN A 288 24.12 -15.57 4.19
C GLN A 288 25.42 -15.64 3.38
N TYR A 289 26.47 -15.04 3.91
CA TYR A 289 27.75 -15.06 3.22
C TYR A 289 28.22 -16.54 3.08
N GLN A 290 28.07 -17.31 4.16
CA GLN A 290 28.51 -18.70 4.15
C GLN A 290 27.61 -19.58 3.35
N LYS A 291 26.34 -19.20 3.28
CA LYS A 291 25.43 -20.01 2.50
C LYS A 291 25.73 -19.83 1.02
N ASP A 292 26.16 -18.63 0.63
CA ASP A 292 26.45 -18.32 -0.77
C ASP A 292 27.83 -18.81 -1.26
N ALA A 293 28.77 -18.87 -0.33
CA ALA A 293 30.14 -19.27 -0.59
C ALA A 293 30.38 -20.56 -1.43
N PRO A 294 29.63 -21.64 -1.15
CA PRO A 294 29.87 -22.85 -1.95
C PRO A 294 29.59 -22.65 -3.44
N SER A 295 28.78 -21.66 -3.80
CA SER A 295 28.46 -21.41 -5.21
C SER A 295 29.37 -20.33 -5.86
N ASP A 296 30.16 -19.60 -5.07
CA ASP A 296 30.95 -18.52 -5.65
C ASP A 296 32.34 -18.49 -5.00
N HIS A 297 33.36 -18.87 -5.76
CA HIS A 297 34.76 -18.89 -5.32
C HIS A 297 35.22 -17.59 -4.71
N GLN A 298 34.67 -16.49 -5.21
CA GLN A 298 35.06 -15.17 -4.74
C GLN A 298 34.77 -14.95 -3.26
N GLU A 299 33.83 -15.69 -2.69
CA GLU A 299 33.50 -15.53 -1.28
C GLU A 299 34.28 -16.56 -0.52
N LEU A 300 35.58 -16.33 -0.46
CA LEU A 300 36.51 -17.27 0.11
C LEU A 300 36.94 -17.10 1.53
N ASN A 301 36.41 -16.09 2.23
CA ASN A 301 36.84 -15.84 3.61
C ASN A 301 36.32 -16.88 4.58
N LEU A 302 37.08 -17.12 5.65
CA LEU A 302 36.66 -18.06 6.69
C LEU A 302 36.04 -17.27 7.84
N ASP A 303 34.72 -17.25 7.94
CA ASP A 303 34.08 -16.54 9.06
C ASP A 303 33.22 -17.57 9.82
N VAL A 304 33.68 -18.80 9.73
CA VAL A 304 33.02 -19.97 10.31
C VAL A 304 33.42 -20.21 11.77
N SER A 305 32.72 -21.10 12.47
CA SER A 305 33.04 -21.43 13.87
C SER A 305 34.47 -22.00 13.91
N LEU A 306 35.34 -21.42 14.73
CA LEU A 306 36.71 -21.93 14.81
C LEU A 306 36.86 -22.95 15.95
N GLN A 307 38.01 -23.63 16.02
CA GLN A 307 38.16 -24.58 17.11
C GLN A 307 38.28 -23.87 18.44
N ALA B 1 -21.93 32.19 -14.49
CA ALA B 1 -21.11 30.92 -14.37
C ALA B 1 -21.87 29.79 -13.68
N ILE B 2 -21.52 28.53 -13.99
CA ILE B 2 -22.17 27.36 -13.39
C ILE B 2 -21.90 27.31 -11.87
N SER B 3 -22.93 27.02 -11.08
CA SER B 3 -22.76 26.94 -9.64
C SER B 3 -23.54 25.78 -9.04
N CYS B 4 -23.27 25.49 -7.76
CA CYS B 4 -24.00 24.46 -7.03
C CYS B 4 -24.81 25.26 -6.03
N GLY B 5 -25.89 24.67 -5.55
CA GLY B 5 -26.69 25.35 -4.56
C GLY B 5 -26.08 25.07 -3.19
N SER B 6 -26.75 25.55 -2.16
CA SER B 6 -26.32 25.40 -0.78
C SER B 6 -26.00 23.93 -0.46
N PRO B 7 -24.84 23.65 0.15
CA PRO B 7 -24.54 22.25 0.47
C PRO B 7 -25.54 21.59 1.43
N PRO B 8 -25.67 20.26 1.35
CA PRO B 8 -26.62 19.64 2.26
C PRO B 8 -26.16 19.78 3.71
N PRO B 9 -27.08 20.10 4.62
CA PRO B 9 -26.71 20.26 6.05
C PRO B 9 -26.30 18.94 6.68
N ILE B 10 -25.71 19.04 7.86
CA ILE B 10 -25.29 17.86 8.57
C ILE B 10 -25.60 18.03 10.05
N LEU B 11 -26.53 17.21 10.53
CA LEU B 11 -26.88 17.28 11.95
C LEU B 11 -25.70 16.89 12.84
N ASN B 12 -25.48 17.66 13.89
CA ASN B 12 -24.42 17.43 14.85
C ASN B 12 -23.04 17.49 14.25
N GLY B 13 -22.91 18.19 13.13
CA GLY B 13 -21.63 18.32 12.48
C GLY B 13 -21.39 19.75 12.05
N ARG B 14 -20.31 19.95 11.32
CA ARG B 14 -19.91 21.25 10.81
C ARG B 14 -19.55 21.09 9.36
N ILE B 15 -19.60 22.22 8.64
CA ILE B 15 -19.24 22.27 7.25
C ILE B 15 -18.20 23.38 7.20
N SER B 16 -17.14 23.19 6.45
CA SER B 16 -16.11 24.20 6.31
C SER B 16 -16.68 25.48 5.68
N TYR B 17 -16.00 26.59 5.91
CA TYR B 17 -16.41 27.91 5.41
C TYR B 17 -16.30 27.92 3.89
N TYR B 18 -17.31 28.48 3.21
CA TYR B 18 -17.27 28.56 1.76
C TYR B 18 -17.81 29.91 1.28
N SER B 19 -17.29 30.37 0.14
CA SER B 19 -17.70 31.63 -0.46
C SER B 19 -18.87 31.45 -1.44
N THR B 20 -19.60 32.52 -1.68
CA THR B 20 -20.74 32.51 -2.57
C THR B 20 -20.41 33.39 -3.81
N PRO B 21 -20.84 32.98 -5.01
CA PRO B 21 -21.63 31.78 -5.29
C PRO B 21 -20.73 30.55 -5.27
N ILE B 22 -21.32 29.35 -5.13
CA ILE B 22 -20.54 28.12 -5.10
C ILE B 22 -20.17 27.69 -6.52
N ALA B 23 -18.91 27.92 -6.90
CA ALA B 23 -18.43 27.59 -8.25
C ALA B 23 -18.06 26.12 -8.43
N VAL B 24 -18.15 25.65 -9.68
CA VAL B 24 -17.79 24.29 -10.04
C VAL B 24 -16.35 24.12 -9.56
N GLY B 25 -16.05 23.01 -8.89
CA GLY B 25 -14.70 22.83 -8.39
C GLY B 25 -14.55 23.18 -6.92
N THR B 26 -15.55 23.83 -6.33
CA THR B 26 -15.49 24.14 -4.92
C THR B 26 -15.49 22.82 -4.11
N VAL B 27 -14.66 22.74 -3.08
CA VAL B 27 -14.59 21.57 -2.20
C VAL B 27 -15.05 21.99 -0.80
N ILE B 28 -16.00 21.23 -0.26
CA ILE B 28 -16.59 21.47 1.04
C ILE B 28 -16.17 20.30 1.93
N ARG B 29 -15.93 20.56 3.22
CA ARG B 29 -15.48 19.50 4.13
C ARG B 29 -16.41 19.38 5.34
N TYR B 30 -16.92 18.18 5.60
CA TYR B 30 -17.78 17.96 6.74
C TYR B 30 -16.98 17.29 7.88
N SER B 31 -17.41 17.52 9.10
CA SER B 31 -16.77 16.93 10.27
C SER B 31 -17.80 16.84 11.39
N CYS B 32 -17.49 15.99 12.37
CA CYS B 32 -18.37 15.78 13.54
C CYS B 32 -17.67 16.08 14.87
N SER B 33 -18.46 16.44 15.88
CA SER B 33 -17.98 16.72 17.23
C SER B 33 -17.16 15.53 17.71
N GLY B 34 -16.65 15.64 18.94
CA GLY B 34 -15.80 14.57 19.44
C GLY B 34 -16.49 13.27 19.83
N THR B 35 -17.75 13.39 20.23
CA THR B 35 -18.48 12.22 20.67
C THR B 35 -19.34 11.63 19.56
N PHE B 36 -19.10 12.10 18.35
CA PHE B 36 -19.83 11.62 17.19
C PHE B 36 -18.86 11.04 16.18
N ARG B 37 -19.37 10.23 15.27
CA ARG B 37 -18.50 9.68 14.25
C ARG B 37 -19.06 9.99 12.86
N LEU B 38 -18.18 10.41 11.96
CA LEU B 38 -18.58 10.72 10.59
C LEU B 38 -18.70 9.45 9.76
N ILE B 39 -19.87 9.29 9.14
CA ILE B 39 -20.16 8.13 8.28
C ILE B 39 -20.26 8.64 6.85
N GLY B 40 -19.33 8.19 5.98
CA GLY B 40 -19.35 8.61 4.58
C GLY B 40 -18.19 9.53 4.25
N GLU B 41 -17.95 9.78 2.97
CA GLU B 41 -16.84 10.65 2.57
C GLU B 41 -17.05 12.05 3.11
N LYS B 42 -15.99 12.63 3.68
CA LYS B 42 -16.02 13.97 4.30
C LYS B 42 -16.00 15.17 3.34
N SER B 43 -15.50 14.99 2.11
CA SER B 43 -15.45 16.15 1.20
C SER B 43 -16.41 16.01 0.05
N LEU B 44 -17.13 17.08 -0.24
CA LEU B 44 -18.01 17.06 -1.40
C LEU B 44 -17.42 18.05 -2.37
N LEU B 45 -17.56 17.74 -3.65
CA LEU B 45 -17.04 18.54 -4.74
C LEU B 45 -18.17 19.10 -5.57
N CYS B 46 -18.14 20.39 -5.90
CA CYS B 46 -19.19 20.93 -6.76
C CYS B 46 -18.74 20.58 -8.19
N ILE B 47 -19.58 19.85 -8.91
CA ILE B 47 -19.25 19.41 -10.26
C ILE B 47 -20.39 19.75 -11.22
N THR B 48 -20.18 19.53 -12.51
CA THR B 48 -21.26 19.67 -13.47
C THR B 48 -21.15 18.45 -14.39
N LYS B 49 -22.22 17.69 -14.47
CA LYS B 49 -22.24 16.51 -15.34
C LYS B 49 -22.74 16.86 -16.75
N ASP B 50 -23.68 17.81 -16.86
CA ASP B 50 -24.22 18.16 -18.19
C ASP B 50 -23.73 19.47 -18.75
N LYS B 51 -22.76 20.09 -18.10
CA LYS B 51 -22.21 21.36 -18.54
C LYS B 51 -23.23 22.50 -18.53
N VAL B 52 -24.32 22.32 -17.80
CA VAL B 52 -25.30 23.38 -17.66
C VAL B 52 -25.57 23.64 -16.19
N ASP B 53 -25.91 22.58 -15.44
CA ASP B 53 -26.24 22.74 -14.03
C ASP B 53 -25.12 22.17 -13.14
N GLY B 54 -25.00 22.67 -11.91
CA GLY B 54 -23.99 22.16 -11.01
C GLY B 54 -24.65 21.28 -9.96
N THR B 55 -23.94 20.26 -9.48
CA THR B 55 -24.43 19.36 -8.42
C THR B 55 -23.26 18.99 -7.53
N TRP B 56 -23.53 18.67 -6.27
CA TRP B 56 -22.42 18.21 -5.43
C TRP B 56 -22.18 16.80 -5.96
N ASP B 57 -20.95 16.32 -5.90
CA ASP B 57 -20.66 14.99 -6.48
C ASP B 57 -21.09 13.79 -5.68
N LYS B 58 -21.54 14.03 -4.44
CA LYS B 58 -22.02 12.92 -3.60
C LYS B 58 -22.93 13.43 -2.51
N PRO B 59 -23.65 12.51 -1.85
CA PRO B 59 -24.54 12.94 -0.77
C PRO B 59 -23.70 13.40 0.42
N ALA B 60 -24.28 14.22 1.29
CA ALA B 60 -23.52 14.65 2.44
C ALA B 60 -23.35 13.46 3.40
N PRO B 61 -22.22 13.39 4.13
CA PRO B 61 -22.04 12.28 5.07
C PRO B 61 -22.88 12.63 6.31
N LYS B 62 -22.97 11.73 7.29
CA LYS B 62 -23.72 12.01 8.53
C LYS B 62 -22.87 11.82 9.78
N CYS B 63 -23.34 12.39 10.89
CA CYS B 63 -22.66 12.25 12.18
C CYS B 63 -23.55 11.38 13.05
N GLU B 64 -22.99 10.28 13.53
CA GLU B 64 -23.71 9.37 14.42
C GLU B 64 -23.11 9.46 15.81
N TYR B 65 -23.95 9.58 16.85
CA TYR B 65 -23.42 9.66 18.22
C TYR B 65 -22.59 8.37 18.41
N PHE B 66 -21.40 8.50 18.96
CA PHE B 66 -20.52 7.34 19.10
C PHE B 66 -21.08 6.20 19.95
N ASN B 67 -21.04 4.99 19.41
CA ASN B 67 -21.49 3.80 20.14
C ASN B 67 -20.25 2.90 20.26
N LYS B 68 -19.59 2.95 21.41
CA LYS B 68 -18.38 2.15 21.65
C LYS B 68 -18.63 0.64 21.58
N TYR B 69 -19.90 0.22 21.66
CA TYR B 69 -20.21 -1.22 21.59
C TYR B 69 -20.47 -1.76 20.19
N SER B 70 -20.76 -0.87 19.25
CA SER B 70 -21.02 -1.34 17.89
C SER B 70 -19.79 -1.99 17.23
N SER B 71 -20.03 -2.96 16.36
CA SER B 71 -18.97 -3.64 15.62
C SER B 71 -19.60 -4.24 14.35
N CYS B 72 -18.90 -4.13 13.24
CA CYS B 72 -19.44 -4.64 11.99
C CYS B 72 -18.70 -5.90 11.60
N PRO B 73 -19.38 -6.82 10.93
CA PRO B 73 -18.73 -8.06 10.52
C PRO B 73 -17.77 -7.76 9.38
N GLU B 74 -16.84 -8.68 9.15
CA GLU B 74 -15.88 -8.50 8.08
C GLU B 74 -16.62 -8.28 6.77
N PRO B 75 -16.32 -7.19 6.08
CA PRO B 75 -17.00 -6.92 4.81
C PRO B 75 -16.27 -7.70 3.72
N ILE B 76 -17.02 -8.49 2.96
CA ILE B 76 -16.40 -9.30 1.93
C ILE B 76 -16.96 -9.00 0.55
N VAL B 77 -16.06 -8.83 -0.41
CA VAL B 77 -16.42 -8.53 -1.77
C VAL B 77 -15.82 -9.55 -2.74
N PRO B 78 -16.62 -10.52 -3.19
CA PRO B 78 -16.09 -11.50 -4.13
C PRO B 78 -15.45 -10.82 -5.31
N GLY B 79 -14.32 -11.34 -5.74
CA GLY B 79 -13.61 -10.75 -6.86
C GLY B 79 -12.75 -9.58 -6.42
N GLY B 80 -12.82 -9.20 -5.14
CA GLY B 80 -12.01 -8.06 -4.69
C GLY B 80 -11.35 -8.28 -3.33
N TYR B 81 -10.63 -7.27 -2.84
CA TYR B 81 -9.94 -7.37 -1.55
C TYR B 81 -9.78 -5.98 -0.94
N LYS B 82 -9.47 -5.96 0.36
CA LYS B 82 -9.29 -4.70 1.09
C LYS B 82 -7.91 -4.07 0.90
N ILE B 83 -7.87 -2.78 0.59
CA ILE B 83 -6.58 -2.11 0.47
C ILE B 83 -6.44 -1.14 1.61
N ARG B 84 -7.49 -0.99 2.41
CA ARG B 84 -7.38 -0.14 3.59
C ARG B 84 -8.40 -0.51 4.64
N GLY B 85 -7.96 -0.51 5.90
CA GLY B 85 -8.83 -0.86 7.04
C GLY B 85 -8.86 -2.37 7.29
N SER B 86 -8.77 -2.80 8.57
CA SER B 86 -8.82 -4.23 8.87
C SER B 86 -9.47 -4.42 10.22
N THR B 87 -9.74 -5.67 10.59
CA THR B 87 -10.38 -5.99 11.87
C THR B 87 -9.58 -5.51 13.07
N PRO B 88 -10.26 -5.14 14.17
CA PRO B 88 -11.70 -5.11 14.41
C PRO B 88 -12.40 -3.92 13.74
N TYR B 89 -13.66 -4.11 13.35
CA TYR B 89 -14.43 -3.05 12.70
C TYR B 89 -15.36 -2.37 13.70
N ARG B 90 -14.98 -1.17 14.13
CA ARG B 90 -15.77 -0.42 15.12
C ARG B 90 -16.49 0.75 14.50
N HIS B 91 -17.32 1.39 15.32
CA HIS B 91 -18.13 2.54 14.88
C HIS B 91 -17.28 3.66 14.28
N GLY B 92 -17.59 4.03 13.03
CA GLY B 92 -16.85 5.08 12.37
C GLY B 92 -15.67 4.55 11.59
N ASP B 93 -15.27 3.27 11.75
CA ASP B 93 -14.13 2.75 10.98
C ASP B 93 -14.50 2.63 9.51
N SER B 94 -13.51 2.76 8.65
CA SER B 94 -13.78 2.68 7.24
C SER B 94 -12.95 1.62 6.56
N VAL B 95 -13.49 1.07 5.48
CA VAL B 95 -12.74 0.08 4.71
C VAL B 95 -12.78 0.45 3.23
N THR B 96 -11.64 0.31 2.55
CA THR B 96 -11.59 0.61 1.12
C THR B 96 -11.20 -0.66 0.35
N PHE B 97 -11.97 -0.99 -0.68
CA PHE B 97 -11.74 -2.18 -1.52
C PHE B 97 -11.09 -1.85 -2.87
N ALA B 98 -10.55 -2.89 -3.51
CA ALA B 98 -10.00 -2.82 -4.88
C ALA B 98 -10.40 -4.15 -5.49
N CYS B 99 -10.54 -4.19 -6.82
CA CYS B 99 -10.89 -5.45 -7.49
C CYS B 99 -9.65 -6.19 -7.95
N LYS B 100 -9.68 -7.51 -7.90
CA LYS B 100 -8.54 -8.30 -8.37
C LYS B 100 -8.36 -8.09 -9.89
N THR B 101 -7.23 -8.56 -10.41
CA THR B 101 -6.95 -8.45 -11.85
C THR B 101 -8.07 -9.11 -12.66
N ASN B 102 -8.44 -8.49 -13.78
CA ASN B 102 -9.52 -9.00 -14.63
C ASN B 102 -10.88 -8.77 -14.04
N PHE B 103 -10.95 -7.90 -13.04
CA PHE B 103 -12.22 -7.56 -12.39
C PHE B 103 -12.32 -6.06 -12.37
N SER B 104 -13.54 -5.55 -12.50
CA SER B 104 -13.79 -4.11 -12.51
C SER B 104 -14.80 -3.84 -11.40
N MET B 105 -14.68 -2.68 -10.78
CA MET B 105 -15.58 -2.35 -9.67
C MET B 105 -16.87 -1.67 -10.06
N ASN B 106 -17.89 -1.91 -9.25
CA ASN B 106 -19.20 -1.31 -9.42
C ASN B 106 -19.65 -0.82 -8.06
N GLY B 107 -19.94 0.46 -7.96
CA GLY B 107 -20.36 1.00 -6.69
C GLY B 107 -19.22 1.73 -6.01
N ASN B 108 -19.47 2.24 -4.82
CA ASN B 108 -18.46 2.96 -4.06
C ASN B 108 -17.43 2.03 -3.44
N LYS B 109 -16.16 2.40 -3.58
CA LYS B 109 -15.07 1.57 -3.08
C LYS B 109 -14.84 1.60 -1.56
N SER B 110 -15.40 2.59 -0.86
CA SER B 110 -15.22 2.69 0.60
C SER B 110 -16.53 2.62 1.35
N VAL B 111 -16.48 1.96 2.50
CA VAL B 111 -17.65 1.81 3.35
C VAL B 111 -17.24 2.09 4.81
N TRP B 112 -18.22 2.49 5.61
CA TRP B 112 -18.08 2.85 6.99
C TRP B 112 -18.91 1.97 7.88
N CYS B 113 -18.35 1.60 9.04
CA CYS B 113 -19.06 0.77 10.00
C CYS B 113 -20.03 1.68 10.79
N GLN B 114 -21.33 1.48 10.56
CA GLN B 114 -22.37 2.32 11.20
C GLN B 114 -22.80 1.85 12.58
N ALA B 115 -23.44 2.73 13.34
CA ALA B 115 -23.90 2.38 14.70
C ALA B 115 -24.81 1.14 14.74
N ASN B 116 -25.57 0.92 13.67
CA ASN B 116 -26.48 -0.23 13.61
C ASN B 116 -25.73 -1.50 13.17
N ASN B 117 -24.40 -1.48 13.27
CA ASN B 117 -23.55 -2.64 12.97
C ASN B 117 -23.50 -3.09 11.51
N MET B 118 -23.92 -2.20 10.62
CA MET B 118 -23.89 -2.50 9.22
C MET B 118 -23.02 -1.51 8.49
N TRP B 119 -22.50 -1.96 7.36
CA TRP B 119 -21.61 -1.18 6.53
C TRP B 119 -22.20 -0.06 5.73
N GLY B 120 -21.37 0.98 5.64
CA GLY B 120 -21.49 2.25 4.93
C GLY B 120 -22.82 2.79 4.60
N PRO B 121 -22.88 3.99 3.99
CA PRO B 121 -24.18 4.57 3.64
C PRO B 121 -24.64 3.83 2.36
N THR B 122 -23.69 3.41 1.54
CA THR B 122 -23.99 2.67 0.32
C THR B 122 -23.77 1.18 0.52
N ARG B 123 -24.18 0.38 -0.45
CA ARG B 123 -24.00 -1.05 -0.36
C ARG B 123 -22.54 -1.38 -0.72
N LEU B 124 -22.04 -2.55 -0.32
CA LEU B 124 -20.66 -2.92 -0.64
C LEU B 124 -20.47 -2.92 -2.13
N PRO B 125 -19.29 -2.51 -2.60
CA PRO B 125 -19.07 -2.51 -4.04
C PRO B 125 -19.09 -3.94 -4.56
N THR B 126 -19.04 -4.09 -5.88
CA THR B 126 -19.02 -5.43 -6.48
C THR B 126 -17.89 -5.45 -7.49
N CYS B 127 -17.35 -6.63 -7.74
CA CYS B 127 -16.27 -6.75 -8.72
C CYS B 127 -16.69 -7.78 -9.77
N VAL B 128 -16.72 -7.36 -11.04
CA VAL B 128 -17.11 -8.25 -12.14
C VAL B 128 -15.99 -8.35 -13.17
N SER B 129 -15.82 -9.52 -13.78
CA SER B 129 -14.78 -9.74 -14.82
C SER B 129 -14.88 -8.74 -15.98
N ALA C 1 -39.87 11.27 -6.12
CA ALA C 1 -38.56 11.47 -5.46
C ALA C 1 -37.95 12.67 -6.18
N ILE C 2 -36.90 12.42 -6.94
CA ILE C 2 -36.23 13.50 -7.64
C ILE C 2 -36.57 13.53 -9.11
N SER C 3 -36.59 14.72 -9.71
CA SER C 3 -36.83 14.84 -11.14
C SER C 3 -35.72 15.68 -11.80
N CYS C 4 -35.54 15.51 -13.11
CA CYS C 4 -34.56 16.28 -13.86
C CYS C 4 -35.32 17.31 -14.68
N GLY C 5 -34.79 18.52 -14.79
CA GLY C 5 -35.46 19.54 -15.59
C GLY C 5 -35.31 19.35 -17.11
N SER C 6 -35.83 20.37 -17.86
CA SER C 6 -35.78 20.31 -19.33
C SER C 6 -34.32 20.02 -19.80
N PRO C 7 -34.21 18.95 -20.61
CA PRO C 7 -32.89 18.52 -21.11
C PRO C 7 -32.20 19.52 -22.06
N PRO C 8 -30.89 19.41 -22.21
CA PRO C 8 -30.21 20.36 -23.10
C PRO C 8 -30.69 20.21 -24.54
N PRO C 9 -30.88 21.33 -25.25
CA PRO C 9 -31.34 21.23 -26.65
C PRO C 9 -30.21 20.75 -27.58
N ILE C 10 -30.58 20.31 -28.78
CA ILE C 10 -29.61 19.84 -29.76
C ILE C 10 -29.86 20.47 -31.13
N LEU C 11 -28.87 21.21 -31.62
CA LEU C 11 -28.98 21.87 -32.92
C LEU C 11 -28.98 20.85 -34.06
N ASN C 12 -29.92 21.00 -34.99
CA ASN C 12 -30.03 20.13 -36.14
C ASN C 12 -30.31 18.69 -35.71
N GLY C 13 -30.96 18.53 -34.59
CA GLY C 13 -31.33 17.19 -34.14
C GLY C 13 -32.61 17.24 -33.35
N ARG C 14 -32.98 16.11 -32.77
CA ARG C 14 -34.18 16.10 -31.96
C ARG C 14 -34.04 15.09 -30.83
N ILE C 15 -34.94 15.21 -29.88
CA ILE C 15 -34.93 14.31 -28.75
C ILE C 15 -36.16 13.46 -28.82
N SER C 16 -35.97 12.16 -28.60
CA SER C 16 -37.08 11.22 -28.56
C SER C 16 -38.10 11.70 -27.53
N TYR C 17 -39.37 11.63 -27.90
CA TYR C 17 -40.49 12.04 -27.04
C TYR C 17 -40.36 11.40 -25.66
N TYR C 18 -40.54 12.21 -24.63
CA TYR C 18 -40.46 11.71 -23.27
C TYR C 18 -41.65 12.31 -22.53
N SER C 19 -42.10 11.62 -21.50
CA SER C 19 -43.23 12.14 -20.74
C SER C 19 -42.72 12.97 -19.57
N THR C 20 -43.55 13.84 -18.99
CA THR C 20 -43.35 14.86 -17.98
C THR C 20 -44.15 14.55 -16.72
N PRO C 21 -43.58 14.57 -15.54
CA PRO C 21 -42.17 14.96 -15.25
C PRO C 21 -41.18 13.84 -15.59
N ILE C 22 -39.90 14.23 -15.47
CA ILE C 22 -38.83 13.28 -15.79
C ILE C 22 -38.23 12.73 -14.48
N ALA C 23 -38.48 11.46 -14.18
CA ALA C 23 -37.91 10.88 -12.96
C ALA C 23 -36.47 10.38 -13.13
N VAL C 24 -35.69 10.38 -12.04
CA VAL C 24 -34.32 9.86 -12.12
C VAL C 24 -34.45 8.44 -12.68
N GLY C 25 -33.49 8.02 -13.49
CA GLY C 25 -33.61 6.70 -14.09
C GLY C 25 -34.14 6.79 -15.51
N THR C 26 -34.78 7.91 -15.87
CA THR C 26 -35.32 8.08 -17.22
C THR C 26 -34.17 8.28 -18.19
N VAL C 27 -34.27 7.63 -19.34
CA VAL C 27 -33.28 7.75 -20.41
C VAL C 27 -33.91 8.44 -21.61
N ILE C 28 -33.22 9.43 -22.20
CA ILE C 28 -33.77 10.07 -23.40
C ILE C 28 -32.76 9.87 -24.50
N ARG C 29 -33.24 9.94 -25.75
CA ARG C 29 -32.36 9.70 -26.89
C ARG C 29 -32.30 10.82 -27.89
N TYR C 30 -31.07 11.23 -28.21
CA TYR C 30 -30.84 12.27 -29.21
C TYR C 30 -30.49 11.67 -30.56
N SER C 31 -30.86 12.37 -31.63
CA SER C 31 -30.50 11.90 -32.96
C SER C 31 -30.39 13.13 -33.86
N CYS C 32 -29.63 12.98 -34.94
CA CYS C 32 -29.43 14.09 -35.86
C CYS C 32 -30.18 13.78 -37.13
N SER C 33 -30.60 14.93 -37.73
CA SER C 33 -31.14 14.73 -39.06
C SER C 33 -30.15 13.89 -39.88
N GLY C 34 -30.61 13.44 -41.03
CA GLY C 34 -29.79 12.56 -41.87
C GLY C 34 -28.58 13.05 -42.67
N THR C 35 -28.52 14.39 -42.70
CA THR C 35 -27.36 14.97 -43.36
C THR C 35 -26.31 15.43 -42.33
N PHE C 36 -26.46 14.96 -41.09
CA PHE C 36 -25.53 15.29 -40.01
C PHE C 36 -25.11 14.01 -39.35
N ARG C 37 -24.03 14.05 -38.57
CA ARG C 37 -23.58 12.88 -37.86
C ARG C 37 -23.49 13.26 -36.39
N LEU C 38 -23.96 12.35 -35.54
CA LEU C 38 -23.99 12.61 -34.10
C LEU C 38 -22.64 12.37 -33.45
N ILE C 39 -22.15 13.37 -32.70
CA ILE C 39 -20.88 13.28 -31.98
C ILE C 39 -21.18 13.32 -30.49
N GLY C 40 -20.81 12.27 -29.77
CA GLY C 40 -21.09 12.24 -28.34
C GLY C 40 -22.10 11.14 -28.09
N GLU C 41 -22.36 10.82 -26.83
CA GLU C 41 -23.31 9.77 -26.45
C GLU C 41 -24.74 10.18 -26.80
N LYS C 42 -25.48 9.31 -27.49
CA LYS C 42 -26.85 9.65 -27.86
C LYS C 42 -27.89 9.46 -26.74
N SER C 43 -27.54 8.75 -25.69
CA SER C 43 -28.52 8.55 -24.60
C SER C 43 -28.14 9.30 -23.35
N LEU C 44 -29.06 10.11 -22.81
CA LEU C 44 -28.79 10.82 -21.56
C LEU C 44 -29.69 10.23 -20.47
N LEU C 45 -29.11 10.10 -19.29
CA LEU C 45 -29.81 9.51 -18.18
C LEU C 45 -30.01 10.52 -17.07
N CYS C 46 -31.19 10.50 -16.49
CA CYS C 46 -31.50 11.39 -15.40
C CYS C 46 -31.00 10.68 -14.15
N ILE C 47 -30.11 11.32 -13.43
CA ILE C 47 -29.55 10.72 -12.25
C ILE C 47 -29.49 11.73 -11.10
N THR C 48 -29.15 11.21 -9.93
CA THR C 48 -28.89 12.09 -8.81
C THR C 48 -27.59 11.62 -8.20
N LYS C 49 -26.67 12.54 -7.99
CA LYS C 49 -25.41 12.19 -7.39
C LYS C 49 -25.40 12.55 -5.91
N ASP C 50 -26.20 13.54 -5.51
CA ASP C 50 -26.15 13.95 -4.12
C ASP C 50 -27.45 13.79 -3.38
N LYS C 51 -28.38 13.06 -3.99
CA LYS C 51 -29.70 12.81 -3.45
C LYS C 51 -30.50 14.09 -3.23
N VAL C 52 -30.11 15.19 -3.84
CA VAL C 52 -30.91 16.41 -3.69
C VAL C 52 -31.20 16.91 -5.10
N ASP C 53 -30.14 17.14 -5.86
CA ASP C 53 -30.21 17.62 -7.24
C ASP C 53 -30.43 16.49 -8.24
N GLY C 54 -31.25 16.74 -9.27
CA GLY C 54 -31.46 15.73 -10.33
C GLY C 54 -30.72 16.31 -11.52
N THR C 55 -29.86 15.54 -12.18
CA THR C 55 -29.13 16.11 -13.33
C THR C 55 -29.02 15.09 -14.47
N TRP C 56 -28.72 15.58 -15.68
CA TRP C 56 -28.53 14.70 -16.83
C TRP C 56 -27.07 14.26 -16.68
N ASP C 57 -26.79 12.97 -16.92
CA ASP C 57 -25.45 12.42 -16.71
C ASP C 57 -24.34 12.83 -17.67
N LYS C 58 -24.72 13.48 -18.75
CA LYS C 58 -23.76 13.92 -19.77
C LYS C 58 -24.32 15.13 -20.46
N PRO C 59 -23.45 15.86 -21.15
CA PRO C 59 -24.01 16.98 -21.91
C PRO C 59 -24.70 16.51 -23.21
N ALA C 60 -25.55 17.27 -23.79
CA ALA C 60 -26.20 16.82 -25.01
C ALA C 60 -25.15 16.55 -26.10
N PRO C 61 -25.38 15.54 -26.96
CA PRO C 61 -24.40 15.26 -28.02
C PRO C 61 -24.65 16.36 -29.08
N LYS C 62 -23.81 16.47 -30.11
CA LYS C 62 -23.98 17.52 -31.14
C LYS C 62 -24.14 16.94 -32.52
N CYS C 63 -24.71 17.71 -33.44
CA CYS C 63 -24.88 17.25 -34.83
C CYS C 63 -23.90 17.96 -35.76
N GLU C 64 -22.99 17.21 -36.38
CA GLU C 64 -22.00 17.81 -37.29
C GLU C 64 -22.42 17.52 -38.72
N TYR C 65 -22.37 18.55 -39.58
CA TYR C 65 -22.70 18.34 -41.01
C TYR C 65 -21.83 17.18 -41.54
N PHE C 66 -22.44 16.17 -42.13
CA PHE C 66 -21.70 15.00 -42.63
C PHE C 66 -20.55 15.26 -43.61
N ASN C 67 -19.40 14.64 -43.35
CA ASN C 67 -18.25 14.75 -44.23
C ASN C 67 -17.79 13.33 -44.58
N LYS C 68 -18.12 12.90 -45.80
CA LYS C 68 -17.77 11.55 -46.23
C LYS C 68 -16.30 11.31 -46.34
N TYR C 69 -15.49 12.38 -46.39
CA TYR C 69 -14.05 12.17 -46.49
C TYR C 69 -13.40 11.99 -45.14
N SER C 70 -14.08 12.40 -44.08
CA SER C 70 -13.48 12.28 -42.73
C SER C 70 -13.16 10.82 -42.40
N SER C 71 -11.88 10.69 -41.84
CA SER C 71 -11.32 9.38 -41.45
C SER C 71 -10.38 9.55 -40.28
N CYS C 72 -10.75 9.02 -39.12
CA CYS C 72 -9.91 9.15 -37.94
C CYS C 72 -8.90 8.03 -37.78
N PRO C 73 -7.68 8.36 -37.39
CA PRO C 73 -6.67 7.31 -37.22
C PRO C 73 -6.94 6.54 -35.95
N GLU C 74 -6.34 5.29 -35.86
CA GLU C 74 -6.61 4.47 -34.74
C GLU C 74 -6.12 5.17 -33.47
N PRO C 75 -7.11 5.38 -32.53
CA PRO C 75 -6.78 6.12 -31.31
C PRO C 75 -5.89 5.22 -30.41
N ILE C 76 -4.86 5.79 -29.79
CA ILE C 76 -4.04 4.97 -28.91
C ILE C 76 -3.99 5.57 -27.52
N VAL C 77 -4.17 4.72 -26.51
CA VAL C 77 -4.16 5.19 -25.12
C VAL C 77 -3.16 4.38 -24.28
N PRO C 78 -2.07 5.03 -23.83
CA PRO C 78 -1.05 4.34 -23.02
C PRO C 78 -1.68 3.76 -21.77
N GLY C 79 -1.40 2.49 -21.46
CA GLY C 79 -1.98 1.90 -20.28
C GLY C 79 -3.41 1.47 -20.50
N GLY C 80 -3.86 1.59 -21.74
CA GLY C 80 -5.23 1.20 -22.06
C GLY C 80 -5.33 0.32 -23.30
N TYR C 81 -6.52 -0.19 -23.56
CA TYR C 81 -6.73 -1.00 -24.74
C TYR C 81 -8.16 -0.79 -25.26
N LYS C 82 -8.33 -0.96 -26.56
CA LYS C 82 -9.62 -0.76 -27.18
C LYS C 82 -10.55 -1.91 -26.85
N ILE C 83 -11.79 -1.58 -26.52
CA ILE C 83 -12.79 -2.58 -26.22
C ILE C 83 -13.78 -2.67 -27.39
N ARG C 84 -14.15 -1.52 -27.96
CA ARG C 84 -15.09 -1.45 -29.07
C ARG C 84 -14.57 -0.54 -30.17
N GLY C 85 -15.04 -0.78 -31.38
CA GLY C 85 -14.62 0.04 -32.50
C GLY C 85 -13.72 -0.66 -33.47
N SER C 86 -13.97 -0.48 -34.75
CA SER C 86 -13.14 -1.12 -35.74
C SER C 86 -12.89 -0.21 -36.93
N THR C 87 -11.68 -0.30 -37.47
CA THR C 87 -11.30 0.48 -38.64
C THR C 87 -12.09 0.02 -39.87
N PRO C 88 -12.35 0.95 -40.80
CA PRO C 88 -11.93 2.35 -40.77
C PRO C 88 -12.95 3.17 -39.95
N TYR C 89 -12.47 4.25 -39.37
CA TYR C 89 -13.31 5.11 -38.56
C TYR C 89 -13.77 6.28 -39.39
N ARG C 90 -15.08 6.32 -39.68
CA ARG C 90 -15.66 7.39 -40.47
C ARG C 90 -16.39 8.39 -39.58
N HIS C 91 -16.84 9.48 -40.18
CA HIS C 91 -17.53 10.54 -39.44
C HIS C 91 -18.64 9.97 -38.57
N GLY C 92 -18.60 10.28 -37.28
CA GLY C 92 -19.63 9.80 -36.37
C GLY C 92 -19.37 8.44 -35.72
N ASP C 93 -18.41 7.67 -36.25
CA ASP C 93 -18.07 6.36 -35.68
C ASP C 93 -17.42 6.57 -34.31
N SER C 94 -17.51 5.58 -33.44
CA SER C 94 -16.89 5.73 -32.13
C SER C 94 -16.10 4.48 -31.74
N VAL C 95 -15.29 4.62 -30.70
CA VAL C 95 -14.48 3.53 -30.17
C VAL C 95 -14.51 3.68 -28.68
N THR C 96 -14.31 2.57 -27.97
CA THR C 96 -14.31 2.63 -26.52
C THR C 96 -13.06 1.97 -25.97
N PHE C 97 -12.54 2.53 -24.90
CA PHE C 97 -11.33 2.00 -24.28
C PHE C 97 -11.55 1.55 -22.85
N ALA C 98 -10.56 0.83 -22.34
CA ALA C 98 -10.52 0.35 -20.96
C ALA C 98 -9.05 0.44 -20.54
N CYS C 99 -8.80 0.66 -19.25
CA CYS C 99 -7.42 0.72 -18.79
C CYS C 99 -6.93 -0.66 -18.40
N LYS C 100 -5.64 -0.91 -18.60
CA LYS C 100 -5.03 -2.18 -18.25
C LYS C 100 -4.91 -2.26 -16.73
N THR C 101 -4.48 -3.46 -16.45
CA THR C 101 -4.23 -3.85 -15.07
C THR C 101 -3.36 -2.84 -14.37
N ASN C 102 -3.53 -2.23 -13.22
CA ASN C 102 -2.72 -1.26 -12.52
C ASN C 102 -2.96 0.13 -13.07
N PHE C 103 -3.81 0.50 -13.87
CA PHE C 103 -4.23 1.88 -14.21
C PHE C 103 -5.69 2.24 -13.96
N SER C 104 -5.94 3.53 -13.72
CA SER C 104 -7.29 4.02 -13.50
C SER C 104 -7.52 4.97 -14.66
N MET C 105 -8.73 5.02 -15.18
CA MET C 105 -9.02 5.90 -16.29
C MET C 105 -9.46 7.29 -15.86
N ASN C 106 -8.93 8.30 -16.55
CA ASN C 106 -9.29 9.70 -16.32
C ASN C 106 -9.88 10.20 -17.65
N GLY C 107 -11.17 10.54 -17.64
CA GLY C 107 -11.82 11.01 -18.85
C GLY C 107 -12.91 10.04 -19.33
N ASN C 108 -13.52 10.35 -20.47
CA ASN C 108 -14.59 9.51 -21.04
C ASN C 108 -13.99 8.33 -21.76
N LYS C 109 -14.59 7.16 -21.57
CA LYS C 109 -14.11 5.94 -22.16
C LYS C 109 -14.43 5.78 -23.61
N SER C 110 -15.33 6.63 -24.11
CA SER C 110 -15.74 6.53 -25.51
C SER C 110 -15.54 7.83 -26.19
N VAL C 111 -15.06 7.77 -27.43
CA VAL C 111 -14.88 8.98 -28.24
C VAL C 111 -15.51 8.81 -29.62
N TRP C 112 -15.75 9.91 -30.30
CA TRP C 112 -16.37 9.88 -31.63
C TRP C 112 -15.47 10.50 -32.68
N CYS C 113 -15.52 9.97 -33.90
CA CYS C 113 -14.70 10.48 -34.99
C CYS C 113 -15.37 11.74 -35.57
N GLN C 114 -14.71 12.88 -35.39
CA GLN C 114 -15.23 14.17 -35.87
C GLN C 114 -14.88 14.47 -37.33
N ALA C 115 -15.58 15.44 -37.90
CA ALA C 115 -15.38 15.84 -39.30
C ALA C 115 -13.92 16.20 -39.58
N ASN C 116 -13.25 16.82 -38.61
CA ASN C 116 -11.84 17.20 -38.78
C ASN C 116 -10.85 16.07 -38.49
N ASN C 117 -11.33 14.82 -38.44
CA ASN C 117 -10.49 13.67 -38.17
C ASN C 117 -9.96 13.57 -36.75
N MET C 118 -10.33 14.50 -35.87
CA MET C 118 -9.87 14.39 -34.49
C MET C 118 -10.91 13.58 -33.70
N TRP C 119 -10.46 12.93 -32.64
CA TRP C 119 -11.32 12.11 -31.82
C TRP C 119 -12.16 12.78 -30.75
N GLY C 120 -13.32 12.15 -30.55
CA GLY C 120 -14.40 12.49 -29.62
C GLY C 120 -14.62 13.92 -29.23
N PRO C 121 -15.67 14.21 -28.45
CA PRO C 121 -16.02 15.57 -27.97
C PRO C 121 -14.98 15.95 -26.93
N THR C 122 -14.58 14.98 -26.10
CA THR C 122 -13.60 15.25 -25.05
C THR C 122 -12.21 14.88 -25.57
N ARG C 123 -11.18 15.00 -24.72
CA ARG C 123 -9.86 14.58 -25.15
C ARG C 123 -9.91 13.06 -24.99
N LEU C 124 -9.06 12.34 -25.71
CA LEU C 124 -9.05 10.89 -25.56
C LEU C 124 -8.92 10.62 -24.06
N PRO C 125 -9.44 9.48 -23.58
CA PRO C 125 -9.35 9.17 -22.16
C PRO C 125 -7.89 8.87 -21.85
N THR C 126 -7.52 8.97 -20.58
CA THR C 126 -6.15 8.70 -20.17
C THR C 126 -6.13 7.57 -19.12
N CYS C 127 -5.09 6.77 -19.13
CA CYS C 127 -4.97 5.70 -18.13
C CYS C 127 -3.74 6.03 -17.29
N VAL C 128 -3.98 6.37 -16.03
CA VAL C 128 -2.91 6.72 -15.11
C VAL C 128 -2.63 5.59 -14.10
N SER C 129 -1.36 5.45 -13.73
CA SER C 129 -0.96 4.41 -12.79
C SER C 129 -1.60 4.52 -11.42
N VAL C 130 -2.03 3.37 -10.90
CA VAL C 130 -2.59 3.29 -9.57
C VAL C 130 -1.54 3.69 -8.53
N PHE C 131 -0.25 3.47 -8.85
CA PHE C 131 0.82 3.81 -7.93
C PHE C 131 1.14 5.30 -7.99
N PRO C 132 0.88 6.03 -6.90
CA PRO C 132 1.10 7.48 -6.82
C PRO C 132 2.43 7.98 -7.35
N LEU C 133 3.53 7.39 -6.91
CA LEU C 133 4.81 7.85 -7.41
C LEU C 133 5.00 7.32 -8.82
N GLU C 134 4.59 6.85 -9.61
CA GLU C 134 3.85 6.24 -10.71
C GLU C 134 4.27 4.79 -10.92
#